data_2IKF
#
_entry.id   2IKF
#
_cell.length_a   78.773
_cell.length_b   41.525
_cell.length_c   103.792
_cell.angle_alpha   90.000
_cell.angle_beta   94.940
_cell.angle_gamma   90.000
#
_symmetry.space_group_name_H-M   'P 1 21 1'
#
loop_
_entity.id
_entity.type
_entity.pdbx_description
1 polymer 'RNA uridylyl transferase'
2 non-polymer 'MAGNESIUM ION'
3 non-polymer "URIDINE 5'-TRIPHOSPHATE"
4 water water
#
_entity_poly.entity_id   1
_entity_poly.type   'polypeptide(L)'
_entity_poly.pdbx_seq_one_letter_code
;MGSSHHHHHHSSGLVPRGSHMPPSPAVVGRSLVNSFKQFVSKDLHTRHVDATYRLVLDCVAAVDPLMRLYTFGSTVVYGV
HEKGSDVDFVVLNKTDVEDGKGGDAATQVAKGLQADILAKLARVIRQKHLSWNVEEVRRTRVPVVRVKGGGAVDFDITAY
RRNGVRNSALLRAYFEQNPPCRWLSMSIKRWSKQTGLNASVIGGSITSYGFNLMVVYYLLQRNHLQFVPPSTIDVSRVEP
LPPHLPLEEPADEGLELGTQVLDFLHFFLHEFDSDKQVISLNRPGITTKEELDWTKSAEDFARMNGEKVHYQWCIEDPYE
LNLNVGRNVTPLKRDFLRRHLEKARDTALLTIV
;
_entity_poly.pdbx_strand_id   A,B
#
# COMPACT_ATOMS: atom_id res chain seq x y z
N PRO A 23 -8.69 -46.22 -3.28
CA PRO A 23 -8.72 -47.21 -4.40
C PRO A 23 -7.31 -47.56 -4.91
N SER A 24 -7.24 -48.04 -6.15
CA SER A 24 -5.97 -48.40 -6.75
C SER A 24 -5.52 -47.27 -7.66
N PRO A 25 -4.23 -47.23 -8.01
CA PRO A 25 -3.66 -46.21 -8.88
C PRO A 25 -4.48 -46.07 -10.14
N ALA A 26 -4.79 -47.21 -10.78
CA ALA A 26 -5.58 -47.20 -12.01
C ALA A 26 -6.94 -46.53 -11.80
N VAL A 27 -7.63 -46.92 -10.73
CA VAL A 27 -8.93 -46.30 -10.47
C VAL A 27 -8.72 -44.80 -10.33
N VAL A 28 -7.75 -44.40 -9.50
CA VAL A 28 -7.45 -42.97 -9.29
C VAL A 28 -7.08 -42.31 -10.62
N GLY A 29 -6.13 -42.96 -11.31
CA GLY A 29 -5.67 -42.47 -12.58
C GLY A 29 -6.81 -42.18 -13.53
N ARG A 30 -7.69 -43.15 -13.70
CA ARG A 30 -8.83 -42.96 -14.59
C ARG A 30 -9.75 -41.87 -14.08
N SER A 31 -9.99 -41.82 -12.78
CA SER A 31 -10.88 -40.75 -12.29
C SER A 31 -10.23 -39.44 -12.68
N LEU A 32 -8.96 -39.32 -12.32
CA LEU A 32 -8.25 -38.07 -12.63
C LEU A 32 -8.24 -37.73 -14.10
N VAL A 33 -7.87 -38.66 -14.97
CA VAL A 33 -7.87 -38.32 -16.40
C VAL A 33 -9.31 -37.96 -16.72
N ASN A 34 -10.24 -38.74 -16.19
CA ASN A 34 -11.64 -38.46 -16.40
C ASN A 34 -11.98 -37.03 -16.00
N SER A 35 -11.57 -36.63 -14.79
CA SER A 35 -11.85 -35.29 -14.29
C SER A 35 -11.26 -34.14 -15.12
N PHE A 36 -10.21 -34.42 -15.89
CA PHE A 36 -9.59 -33.38 -16.72
C PHE A 36 -10.02 -33.36 -18.17
N LYS A 37 -11.01 -34.20 -18.51
CA LYS A 37 -11.50 -34.26 -19.89
C LYS A 37 -11.92 -32.91 -20.44
N GLN A 38 -12.71 -32.21 -19.66
CA GLN A 38 -13.25 -30.91 -20.04
C GLN A 38 -12.17 -29.84 -20.27
N PHE A 39 -11.03 -29.95 -19.58
CA PHE A 39 -9.97 -28.97 -19.74
C PHE A 39 -8.98 -29.22 -20.87
N VAL A 40 -8.82 -30.47 -21.31
CA VAL A 40 -7.86 -30.75 -22.37
C VAL A 40 -8.39 -30.38 -23.75
N SER A 41 -8.69 -29.10 -23.93
CA SER A 41 -9.19 -28.60 -25.20
C SER A 41 -9.36 -27.08 -25.16
N ARG A 47 -2.37 -20.04 -25.48
CA ARG A 47 -3.78 -19.77 -25.19
C ARG A 47 -3.96 -18.27 -24.98
N HIS A 48 -3.82 -17.50 -26.07
CA HIS A 48 -3.97 -16.05 -26.05
C HIS A 48 -3.49 -15.30 -24.80
N VAL A 49 -2.31 -15.61 -24.28
CA VAL A 49 -1.87 -14.87 -23.12
C VAL A 49 -1.00 -13.74 -23.60
N ASP A 50 -0.44 -13.91 -24.80
CA ASP A 50 0.41 -12.89 -25.42
C ASP A 50 -0.38 -11.59 -25.49
N ALA A 51 -1.70 -11.73 -25.64
CA ALA A 51 -2.60 -10.60 -25.78
C ALA A 51 -2.78 -9.87 -24.46
N THR A 52 -2.97 -10.64 -23.41
CA THR A 52 -3.11 -10.08 -22.09
C THR A 52 -1.78 -9.37 -21.83
N TYR A 53 -0.68 -10.07 -22.12
CA TYR A 53 0.66 -9.52 -21.91
C TYR A 53 0.83 -8.17 -22.57
N ARG A 54 0.44 -8.11 -23.85
CA ARG A 54 0.54 -6.86 -24.61
C ARG A 54 -0.34 -5.77 -24.05
N LEU A 55 -1.54 -6.10 -23.61
CA LEU A 55 -2.37 -5.06 -23.03
C LEU A 55 -1.70 -4.51 -21.79
N VAL A 56 -1.18 -5.41 -20.95
CA VAL A 56 -0.52 -4.97 -19.72
C VAL A 56 0.72 -4.16 -20.08
N LEU A 57 1.49 -4.62 -21.06
CA LEU A 57 2.69 -3.86 -21.46
C LEU A 57 2.30 -2.46 -21.97
N ASP A 58 1.10 -2.34 -22.53
CA ASP A 58 0.66 -1.03 -23.02
C ASP A 58 0.71 -0.13 -21.80
N CYS A 59 -0.05 -0.51 -20.79
CA CYS A 59 -0.13 0.26 -19.55
C CYS A 59 1.23 0.56 -18.94
N VAL A 60 2.02 -0.50 -18.78
CA VAL A 60 3.34 -0.38 -18.21
C VAL A 60 4.12 0.65 -19.04
N ALA A 61 3.97 0.52 -20.36
CA ALA A 61 4.64 1.43 -21.28
C ALA A 61 4.29 2.87 -20.96
N ALA A 62 3.00 3.15 -20.81
CA ALA A 62 2.52 4.51 -20.52
C ALA A 62 2.91 5.04 -19.16
N VAL A 63 3.49 4.18 -18.34
CA VAL A 63 3.92 4.59 -17.02
C VAL A 63 5.42 4.69 -17.12
N ASP A 64 5.97 3.96 -18.07
CA ASP A 64 7.41 3.96 -18.26
C ASP A 64 7.81 3.01 -19.37
N PRO A 65 8.12 3.56 -20.55
CA PRO A 65 8.51 2.83 -21.75
C PRO A 65 9.75 1.95 -21.63
N LEU A 66 10.60 2.24 -20.66
CA LEU A 66 11.80 1.42 -20.49
C LEU A 66 11.60 0.23 -19.56
N MET A 67 10.42 0.14 -18.94
CA MET A 67 10.15 -0.96 -18.03
C MET A 67 9.83 -2.31 -18.69
N ARG A 68 10.34 -3.39 -18.11
CA ARG A 68 10.10 -4.71 -18.69
C ARG A 68 8.92 -5.43 -17.99
N LEU A 69 8.27 -6.30 -18.70
CA LEU A 69 7.15 -7.01 -18.11
C LEU A 69 7.46 -8.49 -18.15
N TYR A 70 7.45 -9.14 -16.99
CA TYR A 70 7.73 -10.54 -16.95
C TYR A 70 6.52 -11.30 -16.46
N THR A 71 6.31 -12.48 -17.02
CA THR A 71 5.20 -13.31 -16.61
C THR A 71 5.76 -14.37 -15.63
N PHE A 72 4.93 -14.85 -14.69
CA PHE A 72 5.41 -15.90 -13.81
C PHE A 72 4.19 -16.62 -13.27
N GLY A 73 4.34 -17.50 -12.30
CA GLY A 73 3.16 -18.19 -11.81
C GLY A 73 2.88 -19.38 -12.71
N SER A 74 1.70 -19.97 -12.53
CA SER A 74 1.31 -21.16 -13.24
C SER A 74 1.50 -21.18 -14.74
N THR A 75 1.18 -20.07 -15.38
CA THR A 75 1.35 -19.95 -16.81
C THR A 75 2.78 -20.40 -17.20
N VAL A 76 3.77 -19.86 -16.51
CA VAL A 76 5.18 -20.15 -16.76
C VAL A 76 5.56 -21.52 -16.24
N VAL A 77 5.09 -21.80 -15.04
CA VAL A 77 5.45 -23.06 -14.41
C VAL A 77 5.06 -24.26 -15.26
N TYR A 78 3.80 -24.27 -15.67
CA TYR A 78 3.27 -25.34 -16.48
C TYR A 78 3.55 -25.24 -17.95
N GLY A 79 3.68 -24.01 -18.45
CA GLY A 79 3.84 -23.76 -19.86
C GLY A 79 2.45 -23.77 -20.49
N VAL A 80 1.43 -23.63 -19.65
CA VAL A 80 0.04 -23.64 -20.11
C VAL A 80 -0.80 -22.73 -19.25
N HIS A 81 -1.86 -22.21 -19.82
CA HIS A 81 -2.73 -21.31 -19.11
C HIS A 81 -4.04 -22.05 -18.76
N GLU A 82 -4.32 -22.25 -17.47
CA GLU A 82 -5.52 -22.96 -17.02
C GLU A 82 -6.70 -22.04 -16.73
N LYS A 83 -7.91 -22.53 -17.00
CA LYS A 83 -9.14 -21.76 -16.73
C LYS A 83 -9.29 -21.61 -15.21
N GLY A 84 -9.61 -20.41 -14.74
CA GLY A 84 -9.76 -20.20 -13.32
C GLY A 84 -8.44 -19.81 -12.68
N SER A 85 -7.44 -19.63 -13.54
CA SER A 85 -6.13 -19.22 -13.08
C SER A 85 -5.88 -17.81 -13.65
N ASP A 86 -5.39 -16.94 -12.78
CA ASP A 86 -5.09 -15.61 -13.24
C ASP A 86 -3.76 -15.74 -14.00
N VAL A 87 -3.12 -14.61 -14.26
CA VAL A 87 -1.84 -14.58 -14.91
C VAL A 87 -1.08 -13.67 -13.99
N ASP A 88 0.17 -14.03 -13.71
CA ASP A 88 0.98 -13.20 -12.82
C ASP A 88 2.00 -12.41 -13.64
N PHE A 89 2.09 -11.12 -13.36
CA PHE A 89 3.05 -10.31 -14.05
C PHE A 89 3.83 -9.54 -13.02
N VAL A 90 5.11 -9.33 -13.32
CA VAL A 90 5.92 -8.47 -12.47
C VAL A 90 6.59 -7.49 -13.43
N VAL A 91 6.72 -6.25 -12.96
CA VAL A 91 7.30 -5.25 -13.79
C VAL A 91 8.73 -5.10 -13.31
N LEU A 92 9.67 -5.03 -14.25
CA LEU A 92 11.09 -4.93 -13.88
C LEU A 92 11.88 -3.90 -14.71
N ASN A 93 12.83 -3.26 -14.06
CA ASN A 93 13.73 -2.30 -14.70
C ASN A 93 14.81 -3.16 -15.39
N LYS A 94 15.45 -2.60 -16.41
CA LYS A 94 16.53 -3.27 -17.14
C LYS A 94 17.58 -3.81 -16.17
N THR A 95 17.96 -2.99 -15.20
CA THR A 95 18.95 -3.39 -14.21
C THR A 95 18.48 -4.51 -13.28
N ASP A 96 17.18 -4.60 -13.03
CA ASP A 96 16.69 -5.69 -12.19
C ASP A 96 16.94 -6.97 -12.97
N VAL A 97 16.59 -6.93 -14.23
CA VAL A 97 16.76 -8.11 -15.06
C VAL A 97 18.25 -8.49 -15.16
N GLU A 98 19.13 -7.52 -15.46
CA GLU A 98 20.56 -7.77 -15.58
C GLU A 98 21.11 -8.30 -14.27
N ASP A 99 20.53 -7.88 -13.16
CA ASP A 99 20.99 -8.39 -11.89
C ASP A 99 20.19 -9.69 -11.75
N GLY A 100 20.33 -10.50 -12.80
CA GLY A 100 19.62 -11.77 -12.95
C GLY A 100 19.60 -12.74 -11.80
N LYS A 101 20.52 -12.58 -10.87
CA LYS A 101 20.51 -13.51 -9.77
C LYS A 101 20.46 -12.81 -8.45
N GLY A 102 20.10 -11.54 -8.46
CA GLY A 102 20.04 -10.86 -7.18
C GLY A 102 18.80 -11.20 -6.37
N GLY A 103 18.96 -11.06 -5.07
CA GLY A 103 17.83 -11.32 -4.19
C GLY A 103 16.86 -10.15 -4.27
N ASP A 104 15.71 -10.30 -3.62
CA ASP A 104 14.73 -9.23 -3.55
C ASP A 104 14.72 -8.61 -2.15
N ALA A 105 15.03 -7.33 -2.09
CA ALA A 105 15.03 -6.58 -0.83
C ALA A 105 13.70 -6.80 -0.10
N ALA A 106 13.77 -7.12 1.17
CA ALA A 106 12.54 -7.33 1.94
C ALA A 106 12.36 -6.15 2.88
N THR A 107 12.63 -4.96 2.40
CA THR A 107 12.51 -3.79 3.24
C THR A 107 11.26 -2.97 2.97
N GLN A 108 10.95 -2.09 3.94
CA GLN A 108 9.82 -1.20 3.88
C GLN A 108 10.00 -0.28 2.69
N VAL A 109 11.23 0.15 2.47
CA VAL A 109 11.42 1.05 1.34
C VAL A 109 11.20 0.33 0.01
N ALA A 110 11.69 -0.91 -0.09
CA ALA A 110 11.50 -1.71 -1.31
C ALA A 110 9.98 -1.89 -1.50
N LYS A 111 9.27 -2.14 -0.39
CA LYS A 111 7.83 -2.29 -0.45
C LYS A 111 7.18 -0.96 -0.90
N GLY A 112 7.73 0.15 -0.43
CA GLY A 112 7.23 1.45 -0.78
C GLY A 112 7.47 1.77 -2.24
N LEU A 113 8.63 1.40 -2.75
CA LEU A 113 8.97 1.65 -4.14
C LEU A 113 7.99 0.91 -5.05
N GLN A 114 7.66 -0.30 -4.65
CA GLN A 114 6.75 -1.11 -5.41
C GLN A 114 5.31 -0.59 -5.38
N ALA A 115 4.83 -0.22 -4.20
CA ALA A 115 3.49 0.30 -4.06
C ALA A 115 3.37 1.54 -4.94
N ASP A 116 4.44 2.30 -4.94
CA ASP A 116 4.52 3.55 -5.70
C ASP A 116 4.39 3.32 -7.20
N ILE A 117 5.22 2.43 -7.73
CA ILE A 117 5.12 2.23 -9.15
C ILE A 117 3.80 1.56 -9.54
N LEU A 118 3.32 0.66 -8.69
CA LEU A 118 2.10 -0.06 -8.95
C LEU A 118 0.90 0.86 -8.87
N ALA A 119 0.98 1.96 -8.11
CA ALA A 119 -0.16 2.89 -7.99
C ALA A 119 -0.24 3.66 -9.33
N LYS A 120 0.91 4.00 -9.89
CA LYS A 120 0.94 4.72 -11.18
C LYS A 120 0.35 3.81 -12.25
N LEU A 121 0.75 2.55 -12.18
CA LEU A 121 0.29 1.61 -13.15
C LEU A 121 -1.16 1.36 -12.97
N ALA A 122 -1.59 1.26 -11.71
CA ALA A 122 -3.00 1.03 -11.45
C ALA A 122 -3.81 2.17 -12.10
N ARG A 123 -3.33 3.39 -11.92
CA ARG A 123 -3.96 4.56 -12.46
C ARG A 123 -4.07 4.36 -13.97
N VAL A 124 -2.95 4.14 -14.63
CA VAL A 124 -3.00 3.89 -16.07
C VAL A 124 -3.98 2.74 -16.43
N ILE A 125 -3.89 1.58 -15.77
CA ILE A 125 -4.83 0.51 -16.09
C ILE A 125 -6.29 1.04 -16.09
N ARG A 126 -6.75 1.60 -14.96
CA ARG A 126 -8.12 2.13 -14.82
C ARG A 126 -8.44 3.13 -15.96
N GLN A 127 -7.56 4.10 -16.19
CA GLN A 127 -7.76 5.09 -17.26
C GLN A 127 -8.02 4.38 -18.59
N LYS A 128 -7.15 3.45 -18.99
CA LYS A 128 -7.34 2.74 -20.26
C LYS A 128 -8.39 1.63 -20.27
N HIS A 129 -8.87 1.19 -19.12
CA HIS A 129 -9.87 0.14 -19.08
C HIS A 129 -10.90 0.39 -18.03
N LEU A 130 -11.83 1.31 -18.30
CA LEU A 130 -12.89 1.64 -17.35
C LEU A 130 -13.73 0.43 -16.89
N SER A 131 -13.69 -0.65 -17.66
CA SER A 131 -14.44 -1.86 -17.36
C SER A 131 -13.87 -2.69 -16.19
N TRP A 132 -12.54 -2.67 -16.05
CA TRP A 132 -11.82 -3.45 -15.07
C TRP A 132 -11.84 -3.03 -13.61
N ASN A 133 -11.87 -4.01 -12.71
CA ASN A 133 -11.77 -3.70 -11.30
C ASN A 133 -10.24 -3.80 -11.11
N VAL A 134 -9.63 -2.70 -10.69
CA VAL A 134 -8.20 -2.65 -10.47
C VAL A 134 -8.03 -2.43 -9.00
N GLU A 135 -7.62 -3.47 -8.29
CA GLU A 135 -7.49 -3.31 -6.87
C GLU A 135 -6.05 -3.25 -6.41
N GLU A 136 -5.72 -2.27 -5.58
CA GLU A 136 -4.36 -2.25 -5.08
C GLU A 136 -4.47 -2.97 -3.77
N VAL A 137 -3.84 -4.13 -3.70
CA VAL A 137 -3.88 -4.98 -2.50
C VAL A 137 -2.69 -4.72 -1.57
N ARG A 138 -3.01 -4.32 -0.34
CA ARG A 138 -1.98 -4.06 0.65
C ARG A 138 -1.98 -5.09 1.79
N ARG A 139 -3.03 -5.91 1.85
CA ARG A 139 -3.10 -6.93 2.89
C ARG A 139 -1.84 -7.84 2.90
N THR A 140 -1.30 -8.03 1.70
CA THR A 140 -0.16 -8.92 1.47
C THR A 140 1.28 -8.51 1.73
N ARG A 141 2.15 -9.51 1.70
CA ARG A 141 3.58 -9.34 1.90
C ARG A 141 4.18 -8.56 0.72
N VAL A 142 3.69 -8.86 -0.48
CA VAL A 142 4.19 -8.21 -1.69
C VAL A 142 3.12 -7.28 -2.28
N PRO A 143 3.41 -5.98 -2.42
CA PRO A 143 2.41 -5.06 -3.01
C PRO A 143 2.00 -5.68 -4.37
N VAL A 144 0.72 -5.71 -4.64
CA VAL A 144 0.26 -6.28 -5.90
C VAL A 144 -1.00 -5.55 -6.33
N VAL A 145 -1.17 -5.46 -7.65
CA VAL A 145 -2.34 -4.81 -8.23
C VAL A 145 -3.12 -5.94 -8.85
N ARG A 146 -4.35 -6.13 -8.38
CA ARG A 146 -5.18 -7.21 -8.88
C ARG A 146 -6.22 -6.69 -9.84
N VAL A 147 -6.17 -7.19 -11.06
CA VAL A 147 -7.08 -6.76 -12.08
C VAL A 147 -8.05 -7.88 -12.43
N LYS A 148 -9.34 -7.53 -12.44
CA LYS A 148 -10.40 -8.46 -12.84
C LYS A 148 -11.20 -7.65 -13.85
N GLY A 149 -11.13 -8.09 -15.10
CA GLY A 149 -11.82 -7.44 -16.20
C GLY A 149 -13.22 -8.02 -16.37
N GLY A 150 -13.53 -9.07 -15.63
CA GLY A 150 -14.85 -9.68 -15.72
C GLY A 150 -14.91 -10.76 -16.79
N GLY A 151 -14.24 -10.53 -17.91
CA GLY A 151 -14.23 -11.51 -18.98
C GLY A 151 -13.30 -12.66 -18.69
N ALA A 152 -13.49 -13.25 -17.51
CA ALA A 152 -12.67 -14.37 -17.05
C ALA A 152 -11.24 -13.88 -17.01
N VAL A 153 -11.05 -12.63 -17.41
CA VAL A 153 -9.72 -12.02 -17.44
C VAL A 153 -9.25 -11.62 -16.04
N ASP A 154 -8.15 -12.24 -15.63
CA ASP A 154 -7.59 -12.03 -14.34
C ASP A 154 -6.08 -11.99 -14.29
N PHE A 155 -5.53 -10.95 -13.68
CA PHE A 155 -4.11 -10.91 -13.52
C PHE A 155 -3.68 -10.08 -12.33
N ASP A 156 -2.54 -10.48 -11.78
CA ASP A 156 -1.93 -9.79 -10.67
C ASP A 156 -0.66 -9.15 -11.21
N ILE A 157 -0.39 -7.93 -10.78
CA ILE A 157 0.82 -7.28 -11.21
C ILE A 157 1.61 -6.86 -10.00
N THR A 158 2.87 -7.25 -9.94
CA THR A 158 3.76 -6.85 -8.87
C THR A 158 4.91 -6.14 -9.56
N ALA A 159 5.84 -5.63 -8.78
CA ALA A 159 6.95 -4.90 -9.36
C ALA A 159 8.28 -5.10 -8.68
N TYR A 160 9.33 -4.92 -9.47
CA TYR A 160 10.69 -4.88 -8.96
C TYR A 160 11.15 -6.08 -8.23
N ARG A 161 10.50 -7.19 -8.45
CA ARG A 161 10.86 -8.39 -7.76
C ARG A 161 11.22 -9.47 -8.78
N ARG A 162 12.35 -10.09 -8.54
CA ARG A 162 12.82 -11.17 -9.38
C ARG A 162 12.35 -12.53 -8.83
N ASN A 163 11.98 -12.57 -7.54
CA ASN A 163 11.70 -13.89 -6.99
C ASN A 163 10.56 -14.65 -7.60
N GLY A 164 9.47 -14.00 -7.98
CA GLY A 164 8.43 -14.79 -8.61
C GLY A 164 8.86 -15.25 -9.99
N VAL A 165 9.51 -14.43 -10.79
CA VAL A 165 9.86 -14.98 -12.08
C VAL A 165 10.92 -16.04 -11.86
N ARG A 166 11.78 -15.79 -10.90
CA ARG A 166 12.80 -16.76 -10.66
C ARG A 166 12.30 -18.12 -10.13
N ASN A 167 11.37 -18.11 -9.19
CA ASN A 167 11.00 -19.42 -8.68
C ASN A 167 10.07 -20.12 -9.65
N SER A 168 9.41 -19.34 -10.52
CA SER A 168 8.55 -19.96 -11.48
C SER A 168 9.41 -20.52 -12.56
N ALA A 169 10.54 -19.86 -12.87
CA ALA A 169 11.44 -20.41 -13.90
C ALA A 169 12.06 -21.71 -13.31
N LEU A 170 12.27 -21.71 -12.02
CA LEU A 170 12.81 -22.91 -11.33
C LEU A 170 11.82 -24.10 -11.40
N LEU A 171 10.55 -23.85 -11.07
CA LEU A 171 9.48 -24.86 -11.09
C LEU A 171 9.29 -25.32 -12.50
N ARG A 172 9.32 -24.38 -13.42
CA ARG A 172 9.18 -24.66 -14.84
C ARG A 172 10.29 -25.59 -15.32
N ALA A 173 11.54 -25.26 -14.98
CA ALA A 173 12.65 -26.13 -15.34
C ALA A 173 12.43 -27.50 -14.69
N TYR A 174 11.84 -27.57 -13.51
CA TYR A 174 11.65 -28.93 -12.97
C TYR A 174 10.65 -29.72 -13.78
N PHE A 175 9.54 -29.07 -14.11
CA PHE A 175 8.51 -29.71 -14.90
C PHE A 175 8.94 -30.01 -16.28
N GLU A 176 9.85 -29.20 -16.81
CA GLU A 176 10.41 -29.47 -18.14
C GLU A 176 11.17 -30.78 -18.19
N GLN A 177 11.75 -31.16 -17.06
CA GLN A 177 12.47 -32.44 -16.97
C GLN A 177 11.53 -33.63 -17.11
N ASN A 178 10.28 -33.45 -16.68
CA ASN A 178 9.32 -34.55 -16.69
C ASN A 178 7.96 -33.92 -16.90
N PRO A 179 7.71 -33.47 -18.13
CA PRO A 179 6.44 -32.81 -18.45
C PRO A 179 5.13 -33.40 -17.96
N PRO A 180 5.05 -34.74 -17.85
CA PRO A 180 3.78 -35.32 -17.37
C PRO A 180 3.56 -35.10 -15.86
N CYS A 181 4.63 -34.84 -15.14
CA CYS A 181 4.45 -34.58 -13.71
C CYS A 181 3.57 -33.36 -13.50
N ARG A 182 3.37 -32.57 -14.55
CA ARG A 182 2.51 -31.40 -14.43
C ARG A 182 1.06 -31.79 -14.10
N TRP A 183 0.65 -32.97 -14.54
CA TRP A 183 -0.69 -33.43 -14.22
C TRP A 183 -0.82 -33.63 -12.70
N LEU A 184 0.23 -34.14 -12.08
CA LEU A 184 0.22 -34.43 -10.65
C LEU A 184 0.02 -33.11 -9.94
N SER A 185 0.78 -32.14 -10.38
CA SER A 185 0.72 -30.81 -9.84
C SER A 185 -0.65 -30.19 -10.03
N MET A 186 -1.16 -30.30 -11.26
CA MET A 186 -2.45 -29.71 -11.53
C MET A 186 -3.55 -30.42 -10.74
N SER A 187 -3.40 -31.72 -10.55
CA SER A 187 -4.40 -32.50 -9.82
C SER A 187 -4.37 -32.00 -8.40
N ILE A 188 -3.17 -31.87 -7.84
CA ILE A 188 -3.06 -31.39 -6.47
C ILE A 188 -3.62 -29.99 -6.36
N LYS A 189 -3.23 -29.11 -7.28
CA LYS A 189 -3.68 -27.73 -7.25
C LYS A 189 -5.18 -27.65 -7.20
N ARG A 190 -5.83 -28.30 -8.16
CA ARG A 190 -7.28 -28.24 -8.19
C ARG A 190 -7.89 -28.79 -6.94
N TRP A 191 -7.37 -29.92 -6.47
CA TRP A 191 -7.90 -30.52 -5.27
C TRP A 191 -7.76 -29.58 -4.09
N SER A 192 -6.57 -28.96 -3.97
CA SER A 192 -6.29 -28.05 -2.86
C SER A 192 -7.38 -26.98 -2.78
N LYS A 193 -7.88 -26.55 -3.93
CA LYS A 193 -8.91 -25.52 -3.91
C LYS A 193 -10.29 -26.11 -3.58
N GLN A 194 -10.51 -27.38 -3.93
CA GLN A 194 -11.80 -28.01 -3.65
C GLN A 194 -11.90 -28.38 -2.17
N THR A 195 -10.80 -28.75 -1.52
CA THR A 195 -10.84 -29.11 -0.10
C THR A 195 -10.70 -27.91 0.81
N GLY A 196 -10.54 -26.72 0.25
CA GLY A 196 -10.38 -25.58 1.10
C GLY A 196 -8.95 -25.44 1.66
N LEU A 197 -7.97 -26.19 1.16
CA LEU A 197 -6.59 -26.06 1.67
C LEU A 197 -5.87 -24.91 1.03
N ASN A 198 -6.14 -24.69 -0.24
CA ASN A 198 -5.48 -23.61 -0.96
C ASN A 198 -5.79 -22.25 -0.38
N ALA A 199 -4.74 -21.44 -0.18
CA ALA A 199 -4.88 -20.10 0.36
C ALA A 199 -5.81 -19.26 -0.50
N SER A 200 -6.14 -19.70 -1.70
CA SER A 200 -7.04 -18.86 -2.49
C SER A 200 -8.49 -18.99 -1.95
N VAL A 201 -8.72 -19.98 -1.10
CA VAL A 201 -10.04 -20.24 -0.50
C VAL A 201 -10.11 -19.83 0.99
N ILE A 202 -11.24 -19.26 1.42
CA ILE A 202 -11.37 -18.85 2.82
C ILE A 202 -11.01 -20.01 3.72
N GLY A 203 -10.13 -19.73 4.67
CA GLY A 203 -9.69 -20.77 5.58
C GLY A 203 -8.52 -21.52 4.96
N GLY A 204 -8.20 -21.19 3.72
CA GLY A 204 -7.10 -21.82 3.00
C GLY A 204 -5.74 -21.45 3.58
N SER A 205 -4.81 -22.39 3.66
CA SER A 205 -3.54 -22.04 4.28
C SER A 205 -2.31 -22.09 3.40
N ILE A 206 -2.32 -22.87 2.33
CA ILE A 206 -1.12 -22.98 1.47
C ILE A 206 -1.45 -22.53 0.07
N THR A 207 -0.63 -21.65 -0.45
CA THR A 207 -0.88 -21.19 -1.81
C THR A 207 -0.60 -22.32 -2.80
N SER A 208 -1.07 -22.12 -4.03
CA SER A 208 -0.82 -23.03 -5.16
C SER A 208 0.72 -23.23 -5.28
N TYR A 209 1.43 -22.11 -5.09
CA TYR A 209 2.88 -22.10 -5.14
C TYR A 209 3.44 -23.11 -4.12
N GLY A 210 2.93 -23.06 -2.88
CA GLY A 210 3.31 -24.00 -1.84
C GLY A 210 3.08 -25.45 -2.23
N PHE A 211 1.94 -25.68 -2.87
CA PHE A 211 1.59 -26.97 -3.36
C PHE A 211 2.56 -27.42 -4.45
N ASN A 212 2.96 -26.51 -5.35
CA ASN A 212 3.95 -26.89 -6.34
C ASN A 212 5.27 -27.28 -5.71
N LEU A 213 5.69 -26.54 -4.67
CA LEU A 213 6.95 -26.82 -4.01
C LEU A 213 6.87 -28.20 -3.40
N MET A 214 5.69 -28.52 -2.85
CA MET A 214 5.47 -29.82 -2.25
C MET A 214 5.54 -30.91 -3.28
N VAL A 215 4.93 -30.69 -4.42
CA VAL A 215 4.96 -31.64 -5.50
C VAL A 215 6.37 -31.89 -6.00
N VAL A 216 7.10 -30.81 -6.30
CA VAL A 216 8.45 -30.97 -6.78
C VAL A 216 9.29 -31.63 -5.72
N TYR A 217 9.12 -31.20 -4.48
CA TYR A 217 9.89 -31.79 -3.40
C TYR A 217 9.62 -33.28 -3.37
N TYR A 218 8.36 -33.64 -3.47
CA TYR A 218 8.00 -35.05 -3.49
C TYR A 218 8.67 -35.74 -4.69
N LEU A 219 8.52 -35.15 -5.87
CA LEU A 219 9.08 -35.72 -7.08
C LEU A 219 10.57 -35.89 -6.96
N LEU A 220 11.21 -34.97 -6.26
CA LEU A 220 12.64 -35.03 -6.03
C LEU A 220 12.98 -36.17 -5.08
N GLN A 221 12.24 -36.30 -3.97
CA GLN A 221 12.54 -37.38 -3.04
C GLN A 221 12.39 -38.76 -3.71
N ARG A 222 11.48 -38.88 -4.66
CA ARG A 222 11.36 -40.15 -5.34
C ARG A 222 12.30 -40.26 -6.56
N ASN A 223 13.23 -39.31 -6.70
CA ASN A 223 14.13 -39.25 -7.84
C ASN A 223 13.39 -39.28 -9.18
N HIS A 224 12.26 -38.59 -9.26
CA HIS A 224 11.53 -38.51 -10.52
C HIS A 224 11.96 -37.23 -11.21
N LEU A 225 12.78 -36.43 -10.54
CA LEU A 225 13.26 -35.18 -11.08
C LEU A 225 14.67 -35.11 -10.62
N GLN A 226 15.51 -34.40 -11.35
CA GLN A 226 16.89 -34.29 -10.95
C GLN A 226 16.98 -32.90 -10.31
N PHE A 227 17.73 -32.82 -9.23
CA PHE A 227 17.83 -31.56 -8.52
C PHE A 227 18.42 -30.45 -9.39
N VAL A 228 17.82 -29.28 -9.24
CA VAL A 228 18.21 -28.06 -9.92
C VAL A 228 18.54 -27.05 -8.84
N PRO A 229 19.85 -26.72 -8.68
CA PRO A 229 20.17 -25.73 -7.66
C PRO A 229 19.45 -24.43 -8.03
N PRO A 230 18.66 -23.90 -7.09
CA PRO A 230 17.94 -22.66 -7.36
C PRO A 230 18.84 -21.52 -7.83
N SER A 231 20.09 -21.49 -7.38
CA SER A 231 20.96 -20.39 -7.77
C SER A 231 21.33 -20.45 -9.23
N THR A 232 21.08 -21.56 -9.91
CA THR A 232 21.39 -21.62 -11.33
C THR A 232 20.31 -20.89 -12.14
N ILE A 233 19.18 -20.54 -11.53
CA ILE A 233 18.18 -19.83 -12.31
C ILE A 233 18.58 -18.36 -12.37
N ASP A 234 18.64 -17.84 -13.59
CA ASP A 234 19.10 -16.48 -13.86
C ASP A 234 18.01 -15.70 -14.63
N VAL A 235 17.50 -14.66 -13.98
CA VAL A 235 16.41 -13.89 -14.56
C VAL A 235 16.79 -13.22 -15.86
N SER A 236 18.07 -12.90 -16.00
CA SER A 236 18.58 -12.29 -17.21
C SER A 236 18.51 -13.29 -18.34
N ARG A 237 18.19 -14.55 -18.05
CA ARG A 237 18.09 -15.55 -19.08
C ARG A 237 16.70 -16.15 -19.24
N VAL A 238 15.71 -15.71 -18.47
CA VAL A 238 14.39 -16.30 -18.66
C VAL A 238 13.61 -15.44 -19.65
N GLU A 239 12.65 -16.06 -20.30
CA GLU A 239 11.84 -15.33 -21.25
C GLU A 239 10.79 -14.50 -20.49
N PRO A 240 10.51 -13.26 -20.94
CA PRO A 240 9.50 -12.42 -20.29
C PRO A 240 8.18 -13.20 -20.37
N LEU A 241 8.02 -13.90 -21.49
CA LEU A 241 6.84 -14.72 -21.77
C LEU A 241 7.35 -16.03 -22.33
N PRO A 242 7.53 -17.02 -21.47
CA PRO A 242 8.04 -18.27 -22.00
C PRO A 242 7.06 -18.97 -22.93
N PRO A 243 7.57 -19.85 -23.78
CA PRO A 243 6.75 -20.58 -24.72
C PRO A 243 5.81 -21.61 -24.09
N HIS A 244 4.77 -21.91 -24.84
CA HIS A 244 3.77 -22.89 -24.44
C HIS A 244 4.58 -24.15 -24.31
N LEU A 245 4.18 -25.06 -23.44
CA LEU A 245 4.85 -26.33 -23.26
C LEU A 245 3.70 -27.28 -23.35
N PRO A 246 3.49 -27.87 -24.55
CA PRO A 246 2.37 -28.79 -24.70
C PRO A 246 2.16 -29.83 -23.60
N LEU A 247 0.91 -29.96 -23.19
CA LEU A 247 0.52 -30.91 -22.17
C LEU A 247 -0.14 -32.08 -22.88
N GLU A 248 0.46 -33.24 -22.75
CA GLU A 248 -0.07 -34.42 -23.40
C GLU A 248 -0.93 -35.18 -22.37
N GLU A 249 -2.11 -35.63 -22.78
CA GLU A 249 -2.99 -36.40 -21.91
C GLU A 249 -2.17 -37.57 -21.35
N PRO A 250 -2.51 -38.04 -20.14
CA PRO A 250 -1.74 -39.18 -19.63
C PRO A 250 -2.31 -40.30 -20.50
N ALA A 251 -1.46 -40.86 -21.39
CA ALA A 251 -1.86 -41.89 -22.37
C ALA A 251 -1.74 -43.36 -21.98
N ASP A 252 -1.64 -43.57 -20.67
CA ASP A 252 -1.55 -44.90 -20.07
C ASP A 252 -2.81 -44.98 -19.20
N GLU A 253 -3.82 -44.20 -19.62
CA GLU A 253 -5.11 -44.09 -18.94
C GLU A 253 -5.02 -43.46 -17.53
N GLY A 254 -3.86 -42.87 -17.24
CA GLY A 254 -3.66 -42.20 -15.97
C GLY A 254 -2.99 -43.02 -14.91
N LEU A 255 -2.44 -44.15 -15.30
CA LEU A 255 -1.80 -45.01 -14.34
C LEU A 255 -0.61 -44.36 -13.63
N GLU A 256 0.20 -43.58 -14.36
CA GLU A 256 1.37 -42.94 -13.78
C GLU A 256 0.90 -41.96 -12.72
N LEU A 257 -0.04 -41.11 -13.14
CA LEU A 257 -0.64 -40.13 -12.30
C LEU A 257 -1.22 -40.76 -11.01
N GLY A 258 -2.11 -41.73 -11.18
CA GLY A 258 -2.78 -42.38 -10.06
C GLY A 258 -1.76 -42.88 -9.09
N THR A 259 -0.74 -43.51 -9.64
CA THR A 259 0.33 -44.04 -8.81
C THR A 259 1.07 -42.88 -8.11
N GLN A 260 1.31 -41.79 -8.82
CA GLN A 260 2.03 -40.64 -8.26
C GLN A 260 1.21 -39.95 -7.16
N VAL A 261 -0.07 -39.73 -7.45
CA VAL A 261 -0.98 -39.13 -6.51
C VAL A 261 -0.98 -39.95 -5.24
N LEU A 262 -1.30 -41.22 -5.36
CA LEU A 262 -1.31 -42.06 -4.18
C LEU A 262 0.03 -42.00 -3.48
N ASP A 263 1.11 -42.01 -4.24
CA ASP A 263 2.40 -41.98 -3.62
C ASP A 263 2.67 -40.63 -2.96
N PHE A 264 2.21 -39.57 -3.62
CA PHE A 264 2.38 -38.24 -3.09
C PHE A 264 1.60 -38.15 -1.77
N LEU A 265 0.34 -38.59 -1.77
CA LEU A 265 -0.49 -38.55 -0.57
C LEU A 265 0.17 -39.36 0.54
N HIS A 266 0.63 -40.54 0.18
CA HIS A 266 1.26 -41.38 1.16
C HIS A 266 2.55 -40.73 1.69
N PHE A 267 3.33 -40.14 0.78
CA PHE A 267 4.57 -39.52 1.19
C PHE A 267 4.31 -38.42 2.21
N PHE A 268 3.30 -37.59 1.95
CA PHE A 268 3.04 -36.51 2.86
C PHE A 268 2.36 -36.88 4.18
N LEU A 269 1.61 -37.98 4.19
CA LEU A 269 1.01 -38.45 5.44
C LEU A 269 2.03 -39.36 6.15
N HIS A 270 2.80 -40.14 5.41
CA HIS A 270 3.67 -41.05 6.16
C HIS A 270 5.19 -40.97 6.03
N GLU A 271 5.75 -40.29 5.04
CA GLU A 271 7.21 -40.25 5.04
C GLU A 271 7.67 -38.87 5.41
N PHE A 272 6.96 -37.85 4.97
CA PHE A 272 7.39 -36.53 5.35
C PHE A 272 7.19 -36.42 6.87
N ASP A 273 8.21 -35.96 7.57
CA ASP A 273 8.11 -35.82 9.03
C ASP A 273 7.94 -34.32 9.27
N SER A 274 6.70 -33.86 9.19
CA SER A 274 6.38 -32.46 9.31
C SER A 274 6.88 -31.82 10.56
N ASP A 275 7.12 -32.62 11.58
CA ASP A 275 7.62 -32.07 12.81
C ASP A 275 9.10 -31.85 12.76
N LYS A 276 9.79 -32.49 11.82
CA LYS A 276 11.23 -32.33 11.78
C LYS A 276 11.79 -31.83 10.49
N GLN A 277 11.04 -32.02 9.43
CA GLN A 277 11.54 -31.66 8.15
C GLN A 277 10.87 -30.48 7.48
N VAL A 278 11.59 -29.95 6.50
CA VAL A 278 11.12 -28.83 5.74
C VAL A 278 11.05 -29.29 4.31
N ILE A 279 9.96 -28.96 3.67
CA ILE A 279 9.82 -29.27 2.26
C ILE A 279 10.75 -28.19 1.67
N SER A 280 11.82 -28.61 1.04
CA SER A 280 12.74 -27.62 0.52
C SER A 280 13.35 -28.00 -0.79
N LEU A 281 13.45 -27.05 -1.69
CA LEU A 281 14.13 -27.33 -2.93
C LEU A 281 15.51 -26.66 -2.92
N ASN A 282 15.94 -26.11 -1.81
CA ASN A 282 17.22 -25.41 -1.82
C ASN A 282 18.40 -26.35 -1.82
N ARG A 283 18.14 -27.62 -1.53
CA ARG A 283 19.19 -28.63 -1.43
C ARG A 283 18.53 -29.97 -1.69
N PRO A 284 19.27 -30.91 -2.29
CA PRO A 284 18.67 -32.22 -2.57
C PRO A 284 18.60 -32.95 -1.24
N GLY A 285 17.67 -33.88 -1.07
CA GLY A 285 17.68 -34.54 0.24
C GLY A 285 16.89 -33.82 1.33
N ILE A 286 17.22 -34.10 2.58
CA ILE A 286 16.47 -33.52 3.68
C ILE A 286 16.93 -32.20 4.27
N THR A 287 15.97 -31.31 4.54
CA THR A 287 16.27 -30.05 5.23
C THR A 287 15.54 -30.14 6.57
N THR A 288 16.20 -29.76 7.65
CA THR A 288 15.49 -29.88 8.91
C THR A 288 15.04 -28.57 9.44
N LYS A 289 14.05 -28.63 10.32
CA LYS A 289 13.54 -27.42 10.93
C LYS A 289 14.65 -26.84 11.80
N GLU A 290 15.39 -27.73 12.47
CA GLU A 290 16.48 -27.31 13.36
C GLU A 290 17.54 -26.53 12.62
N GLU A 291 17.99 -26.99 11.45
CA GLU A 291 19.01 -26.18 10.80
C GLU A 291 18.52 -24.83 10.31
N LEU A 292 17.21 -24.69 10.16
CA LEU A 292 16.69 -23.39 9.75
C LEU A 292 16.25 -22.57 10.95
N ASP A 293 16.28 -23.19 12.14
CA ASP A 293 15.79 -22.55 13.35
C ASP A 293 14.28 -22.25 13.19
N TRP A 294 13.57 -23.14 12.49
CA TRP A 294 12.12 -23.03 12.26
C TRP A 294 11.53 -23.88 13.34
N THR A 295 11.65 -23.38 14.54
CA THR A 295 11.23 -24.19 15.66
C THR A 295 10.08 -23.57 16.37
N LYS A 296 9.52 -24.34 17.30
CA LYS A 296 8.43 -23.84 18.12
C LYS A 296 8.98 -22.59 18.77
N SER A 297 10.22 -22.67 19.22
CA SER A 297 10.87 -21.52 19.83
C SER A 297 10.74 -20.27 18.92
N ALA A 298 11.16 -20.40 17.64
CA ALA A 298 11.12 -19.30 16.66
C ALA A 298 9.74 -18.73 16.43
N GLU A 299 8.70 -19.56 16.58
CA GLU A 299 7.33 -19.11 16.39
C GLU A 299 7.05 -17.94 17.32
N ASP A 300 7.66 -17.95 18.51
CA ASP A 300 7.46 -16.85 19.44
C ASP A 300 8.02 -15.57 18.85
N PHE A 301 8.99 -15.67 17.96
CA PHE A 301 9.55 -14.44 17.42
C PHE A 301 9.15 -14.15 16.01
N ALA A 302 9.25 -15.17 15.18
CA ALA A 302 8.93 -15.02 13.79
C ALA A 302 7.53 -14.43 13.57
N ARG A 303 7.50 -13.30 12.89
CA ARG A 303 6.27 -12.63 12.53
C ARG A 303 6.45 -12.17 11.08
N MET A 304 5.35 -12.09 10.36
CA MET A 304 5.40 -11.69 8.96
C MET A 304 4.05 -11.06 8.70
N ASN A 305 4.02 -10.02 7.86
CA ASN A 305 2.76 -9.33 7.56
C ASN A 305 1.99 -9.04 8.84
N GLY A 306 2.71 -8.69 9.90
CA GLY A 306 2.07 -8.36 11.17
C GLY A 306 1.38 -9.51 11.89
N GLU A 307 1.78 -10.74 11.56
CA GLU A 307 1.17 -11.89 12.20
C GLU A 307 2.22 -12.98 12.46
N LYS A 308 1.81 -13.92 13.28
CA LYS A 308 2.64 -15.03 13.69
C LYS A 308 2.95 -15.90 12.49
N VAL A 309 4.15 -16.43 12.41
CA VAL A 309 4.41 -17.31 11.32
C VAL A 309 4.35 -18.61 12.08
N HIS A 310 3.86 -19.65 11.45
CA HIS A 310 3.81 -20.94 12.10
C HIS A 310 4.83 -21.80 11.44
N TYR A 311 5.37 -22.76 12.19
CA TYR A 311 6.32 -23.68 11.63
C TYR A 311 5.85 -25.07 11.84
N GLN A 312 4.58 -25.32 11.56
CA GLN A 312 4.00 -26.66 11.70
C GLN A 312 4.21 -27.46 10.43
N TRP A 313 4.03 -26.78 9.32
CA TRP A 313 4.17 -27.38 7.99
C TRP A 313 5.15 -26.41 7.41
N CYS A 314 6.39 -26.87 7.27
CA CYS A 314 7.44 -25.99 6.78
C CYS A 314 7.81 -26.17 5.31
N ILE A 315 7.72 -25.10 4.54
CA ILE A 315 8.04 -25.14 3.12
C ILE A 315 8.97 -23.97 2.97
N GLU A 316 10.23 -24.27 2.66
CA GLU A 316 11.25 -23.25 2.49
C GLU A 316 11.12 -22.61 1.14
N ASP A 317 11.10 -21.30 1.09
CA ASP A 317 11.07 -20.68 -0.21
C ASP A 317 12.48 -20.77 -0.75
N PRO A 318 12.62 -21.18 -2.00
CA PRO A 318 13.99 -21.29 -2.53
C PRO A 318 14.79 -20.01 -2.67
N TYR A 319 14.13 -18.86 -2.74
CA TYR A 319 14.85 -17.62 -2.92
C TYR A 319 14.71 -16.61 -1.82
N GLU A 320 13.54 -16.51 -1.17
CA GLU A 320 13.37 -15.52 -0.11
C GLU A 320 14.05 -15.99 1.15
N LEU A 321 14.72 -15.08 1.83
CA LEU A 321 15.38 -15.49 3.06
C LEU A 321 14.41 -15.83 4.18
N ASN A 322 14.59 -16.97 4.85
CA ASN A 322 13.79 -17.29 5.99
C ASN A 322 12.27 -17.22 5.83
N LEU A 323 11.76 -17.54 4.66
CA LEU A 323 10.37 -17.46 4.44
C LEU A 323 9.74 -18.85 4.40
N ASN A 324 8.79 -19.13 5.27
CA ASN A 324 8.17 -20.38 5.27
C ASN A 324 6.91 -20.23 4.48
N VAL A 325 6.84 -20.94 3.35
CA VAL A 325 5.65 -20.88 2.53
C VAL A 325 4.45 -21.46 3.25
N GLY A 326 4.68 -22.32 4.24
CA GLY A 326 3.61 -22.91 5.02
C GLY A 326 3.45 -22.12 6.35
N ARG A 327 3.80 -20.85 6.34
CA ARG A 327 3.70 -20.03 7.55
C ARG A 327 2.27 -19.86 8.09
N ASN A 328 1.26 -20.01 7.24
CA ASN A 328 -0.11 -19.86 7.69
C ASN A 328 -0.71 -21.17 8.09
N VAL A 329 0.09 -22.23 8.03
CA VAL A 329 -0.49 -23.48 8.45
C VAL A 329 -0.37 -23.55 9.97
N THR A 330 -1.49 -23.22 10.62
CA THR A 330 -1.60 -23.27 12.08
C THR A 330 -1.73 -24.75 12.46
N PRO A 331 -1.64 -25.04 13.75
CA PRO A 331 -1.76 -26.42 14.20
C PRO A 331 -3.07 -27.02 13.66
N LEU A 332 -4.13 -26.23 13.72
CA LEU A 332 -5.41 -26.69 13.24
C LEU A 332 -5.35 -27.03 11.74
N LYS A 333 -4.87 -26.06 10.94
CA LYS A 333 -4.79 -26.25 9.50
C LYS A 333 -3.91 -27.42 9.14
N ARG A 334 -2.93 -27.72 9.97
CA ARG A 334 -2.04 -28.85 9.78
C ARG A 334 -2.87 -30.13 9.92
N ASP A 335 -3.74 -30.17 10.93
CA ASP A 335 -4.60 -31.32 11.14
C ASP A 335 -5.56 -31.44 9.94
N PHE A 336 -6.14 -30.33 9.49
CA PHE A 336 -7.04 -30.41 8.35
C PHE A 336 -6.28 -30.96 7.13
N LEU A 337 -5.01 -30.60 7.00
CA LEU A 337 -4.22 -31.05 5.84
C LEU A 337 -4.09 -32.55 5.91
N ARG A 338 -3.72 -33.07 7.07
CA ARG A 338 -3.61 -34.51 7.22
C ARG A 338 -4.98 -35.18 6.92
N ARG A 339 -6.07 -34.63 7.49
CA ARG A 339 -7.41 -35.21 7.27
C ARG A 339 -7.63 -35.36 5.79
N HIS A 340 -7.53 -34.22 5.10
CA HIS A 340 -7.70 -34.16 3.66
C HIS A 340 -6.78 -35.07 2.89
N LEU A 341 -5.52 -35.09 3.26
CA LEU A 341 -4.58 -35.98 2.57
C LEU A 341 -5.07 -37.43 2.72
N GLU A 342 -5.56 -37.76 3.91
CA GLU A 342 -6.08 -39.10 4.17
C GLU A 342 -7.33 -39.30 3.32
N LYS A 343 -8.25 -38.34 3.32
CA LYS A 343 -9.48 -38.45 2.52
C LYS A 343 -9.20 -38.58 1.04
N ALA A 344 -8.32 -37.71 0.54
CA ALA A 344 -7.93 -37.69 -0.87
C ALA A 344 -7.63 -39.10 -1.40
N ARG A 345 -6.99 -39.93 -0.56
CA ARG A 345 -6.66 -41.31 -0.91
C ARG A 345 -7.86 -42.10 -1.34
N ASP A 346 -8.95 -42.00 -0.58
CA ASP A 346 -10.13 -42.77 -0.91
C ASP A 346 -11.17 -42.05 -1.75
N THR A 347 -10.78 -40.92 -2.35
CA THR A 347 -11.71 -40.19 -3.22
C THR A 347 -10.99 -39.74 -4.50
N ALA A 348 -9.76 -40.22 -4.71
CA ALA A 348 -8.96 -39.83 -5.87
C ALA A 348 -9.00 -38.30 -5.97
N LEU A 349 -8.49 -37.62 -4.93
CA LEU A 349 -8.52 -36.16 -4.90
C LEU A 349 -9.90 -35.63 -5.24
N LEU A 350 -10.89 -36.04 -4.47
CA LEU A 350 -12.27 -35.59 -4.67
C LEU A 350 -12.84 -35.84 -6.07
N THR A 351 -12.23 -36.71 -6.87
CA THR A 351 -12.78 -36.92 -8.22
C THR A 351 -13.77 -38.07 -8.25
N ILE A 352 -13.49 -39.12 -7.50
CA ILE A 352 -14.37 -40.28 -7.47
C ILE A 352 -15.49 -39.96 -6.49
N VAL A 353 -16.51 -39.31 -7.02
CA VAL A 353 -17.69 -38.90 -6.28
C VAL A 353 -18.81 -38.64 -7.29
N PRO B 23 -15.75 29.86 -17.97
CA PRO B 23 -14.89 30.61 -17.00
C PRO B 23 -13.50 30.01 -17.14
N SER B 24 -12.78 30.51 -18.14
CA SER B 24 -11.46 30.00 -18.51
C SER B 24 -10.37 29.87 -17.46
N PRO B 25 -9.56 28.81 -17.59
CA PRO B 25 -8.45 28.55 -16.67
C PRO B 25 -7.65 29.84 -16.50
N ALA B 26 -7.31 30.48 -17.62
CA ALA B 26 -6.57 31.73 -17.59
C ALA B 26 -7.31 32.80 -16.81
N VAL B 27 -8.64 32.83 -16.96
CA VAL B 27 -9.47 33.81 -16.25
C VAL B 27 -9.45 33.52 -14.75
N VAL B 28 -9.59 32.25 -14.39
CA VAL B 28 -9.55 31.83 -13.00
C VAL B 28 -8.17 32.26 -12.49
N GLY B 29 -7.13 31.87 -13.23
CA GLY B 29 -5.76 32.20 -12.87
C GLY B 29 -5.49 33.68 -12.58
N ARG B 30 -5.96 34.53 -13.47
CA ARG B 30 -5.78 35.98 -13.31
C ARG B 30 -6.44 36.42 -12.02
N SER B 31 -7.74 36.16 -11.95
CA SER B 31 -8.57 36.49 -10.80
C SER B 31 -7.89 36.07 -9.51
N LEU B 32 -7.29 34.89 -9.54
CA LEU B 32 -6.60 34.38 -8.35
C LEU B 32 -5.29 35.11 -8.11
N VAL B 33 -4.48 35.25 -9.15
CA VAL B 33 -3.22 35.98 -9.00
C VAL B 33 -3.53 37.38 -8.43
N ASN B 34 -4.49 38.05 -9.06
CA ASN B 34 -4.89 39.39 -8.63
C ASN B 34 -5.36 39.39 -7.20
N SER B 35 -6.19 38.40 -6.87
CA SER B 35 -6.71 38.27 -5.53
C SER B 35 -5.52 38.24 -4.57
N PHE B 36 -4.42 37.65 -5.00
CA PHE B 36 -3.26 37.59 -4.11
C PHE B 36 -2.26 38.77 -4.18
N LYS B 37 -2.58 39.81 -4.96
CA LYS B 37 -1.70 40.98 -5.05
C LYS B 37 -1.36 41.52 -3.66
N GLN B 38 -2.37 41.80 -2.87
CA GLN B 38 -2.15 42.32 -1.52
C GLN B 38 -1.23 41.38 -0.74
N PHE B 39 -1.58 40.10 -0.71
CA PHE B 39 -0.81 39.09 0.00
C PHE B 39 0.65 39.08 -0.44
N VAL B 40 0.90 39.06 -1.74
CA VAL B 40 2.28 39.06 -2.21
C VAL B 40 3.03 40.36 -1.81
N SER B 41 2.32 41.50 -1.86
CA SER B 41 2.91 42.80 -1.50
C SER B 41 3.52 42.76 -0.13
N LYS B 42 2.99 41.89 0.73
CA LYS B 42 3.51 41.79 2.08
C LYS B 42 4.80 40.98 2.12
N ASP B 43 5.48 41.02 3.26
CA ASP B 43 6.75 40.30 3.45
C ASP B 43 6.44 38.95 4.07
N LEU B 44 6.49 37.91 3.26
CA LEU B 44 6.18 36.55 3.74
C LEU B 44 7.37 35.81 4.39
N HIS B 45 8.45 36.54 4.66
CA HIS B 45 9.61 35.92 5.27
C HIS B 45 9.34 35.43 6.71
N THR B 46 10.01 34.34 7.08
CA THR B 46 9.84 33.74 8.40
C THR B 46 10.80 34.21 9.51
N ARG B 47 11.58 35.25 9.22
CA ARG B 47 12.53 35.78 10.21
C ARG B 47 11.84 36.05 11.53
N HIS B 48 10.67 36.68 11.49
CA HIS B 48 9.92 36.99 12.71
C HIS B 48 9.56 35.72 13.46
N VAL B 49 9.13 34.73 12.70
CA VAL B 49 8.74 33.46 13.26
C VAL B 49 9.97 32.87 13.92
N ASP B 50 11.10 33.00 13.23
CA ASP B 50 12.36 32.47 13.74
C ASP B 50 12.81 33.19 15.00
N ALA B 51 12.68 34.52 14.98
CA ALA B 51 13.03 35.33 16.13
C ALA B 51 12.20 34.85 17.31
N THR B 52 10.90 34.63 17.07
CA THR B 52 10.02 34.17 18.14
C THR B 52 10.47 32.80 18.63
N TYR B 53 10.84 31.93 17.68
CA TYR B 53 11.29 30.58 17.99
C TYR B 53 12.44 30.56 19.01
N ARG B 54 13.45 31.41 18.82
CA ARG B 54 14.57 31.49 19.77
C ARG B 54 14.08 31.93 21.16
N LEU B 55 13.25 32.97 21.18
CA LEU B 55 12.69 33.49 22.43
C LEU B 55 11.91 32.41 23.17
N VAL B 56 11.13 31.64 22.42
CA VAL B 56 10.35 30.57 23.00
C VAL B 56 11.32 29.42 23.33
N LEU B 57 12.44 29.37 22.63
CA LEU B 57 13.43 28.31 22.83
C LEU B 57 14.17 28.45 24.16
N ASP B 58 14.42 29.69 24.55
CA ASP B 58 15.12 30.00 25.78
C ASP B 58 14.26 29.70 26.99
N CYS B 59 12.97 30.02 26.92
CA CYS B 59 12.04 29.76 28.01
C CYS B 59 12.00 28.26 28.28
N VAL B 60 12.08 27.46 27.21
CA VAL B 60 12.08 26.01 27.33
C VAL B 60 13.43 25.54 27.86
N ALA B 61 14.49 26.24 27.48
CA ALA B 61 15.81 25.88 27.98
C ALA B 61 15.64 25.97 29.49
N ALA B 62 14.75 26.87 29.92
CA ALA B 62 14.45 27.10 31.33
C ALA B 62 13.56 26.01 31.93
N VAL B 63 13.51 24.87 31.25
CA VAL B 63 12.75 23.70 31.68
C VAL B 63 13.29 22.55 30.82
N ASP B 64 14.58 22.28 30.96
CA ASP B 64 15.30 21.24 30.21
C ASP B 64 15.81 21.78 28.90
N MET B 67 14.46 19.08 26.89
CA MET B 67 13.37 19.55 26.04
C MET B 67 13.82 20.31 24.78
N ARG B 68 13.25 19.92 23.65
CA ARG B 68 13.53 20.52 22.33
C ARG B 68 12.17 21.04 21.79
N LEU B 69 12.19 22.22 21.17
CA LEU B 69 10.96 22.85 20.64
C LEU B 69 10.84 22.79 19.11
N TYR B 70 9.59 22.72 18.63
CA TYR B 70 9.29 22.64 17.20
C TYR B 70 8.13 23.50 16.74
N THR B 71 8.30 24.05 15.54
CA THR B 71 7.28 24.88 14.90
C THR B 71 6.52 23.95 13.98
N PHE B 72 5.20 24.10 13.91
CA PHE B 72 4.41 23.29 13.01
C PHE B 72 3.29 24.21 12.54
N GLY B 73 2.42 23.71 11.68
CA GLY B 73 1.35 24.52 11.15
C GLY B 73 1.77 25.17 9.83
N SER B 74 0.90 26.05 9.34
CA SER B 74 1.09 26.77 8.08
C SER B 74 2.49 27.32 7.73
N THR B 75 3.13 27.99 8.65
CA THR B 75 4.44 28.55 8.35
C THR B 75 5.46 27.48 7.96
N VAL B 76 5.33 26.27 8.52
CA VAL B 76 6.25 25.21 8.14
C VAL B 76 5.76 24.67 6.79
N VAL B 77 4.46 24.41 6.70
CA VAL B 77 3.93 23.89 5.44
C VAL B 77 4.34 24.71 4.25
N TYR B 78 4.08 26.00 4.34
CA TYR B 78 4.39 26.89 3.24
C TYR B 78 5.78 27.50 3.19
N GLY B 79 6.41 27.66 4.34
CA GLY B 79 7.74 28.27 4.32
C GLY B 79 7.61 29.79 4.22
N VAL B 80 6.42 30.33 4.48
CA VAL B 80 6.20 31.76 4.46
C VAL B 80 5.43 32.13 5.70
N HIS B 81 5.40 33.42 6.04
CA HIS B 81 4.66 33.86 7.21
C HIS B 81 3.92 35.14 6.95
N GLU B 82 2.63 35.12 7.24
CA GLU B 82 1.76 36.29 7.07
C GLU B 82 1.86 37.04 8.41
N LYS B 83 2.22 38.31 8.38
CA LYS B 83 2.36 39.08 9.62
C LYS B 83 1.10 39.00 10.50
N GLY B 84 -0.02 38.64 9.88
CA GLY B 84 -1.25 38.54 10.65
C GLY B 84 -1.44 37.20 11.34
N SER B 85 -1.40 36.13 10.55
CA SER B 85 -1.59 34.76 11.03
C SER B 85 -0.84 34.29 12.27
N ASP B 86 -1.42 33.30 12.95
CA ASP B 86 -0.81 32.73 14.14
C ASP B 86 0.21 31.64 13.78
N VAL B 87 1.18 31.46 14.67
CA VAL B 87 2.21 30.46 14.49
C VAL B 87 1.96 29.37 15.53
N ASP B 88 2.43 28.16 15.25
CA ASP B 88 2.21 27.06 16.15
C ASP B 88 3.53 26.45 16.57
N PHE B 89 3.66 26.26 17.88
CA PHE B 89 4.86 25.65 18.43
C PHE B 89 4.40 24.52 19.33
N VAL B 90 5.30 23.57 19.56
CA VAL B 90 4.98 22.46 20.43
C VAL B 90 6.31 22.06 21.05
N VAL B 91 6.30 21.82 22.35
CA VAL B 91 7.53 21.43 23.03
C VAL B 91 7.48 19.92 23.13
N LEU B 92 8.58 19.28 22.77
CA LEU B 92 8.61 17.82 22.76
C LEU B 92 9.68 17.13 23.61
N ASN B 93 9.21 16.19 24.42
CA ASN B 93 10.07 15.43 25.31
C ASN B 93 9.51 14.02 25.42
N LYS B 94 9.22 13.42 24.27
CA LYS B 94 8.68 12.06 24.25
C LYS B 94 9.40 11.16 23.26
N THR B 95 10.69 10.94 23.54
CA THR B 95 11.56 10.10 22.73
C THR B 95 12.38 9.20 23.64
N VAL B 109 -4.55 11.01 31.00
CA VAL B 109 -3.29 10.32 31.33
C VAL B 109 -2.09 11.13 30.84
N ALA B 110 -2.16 11.57 29.58
CA ALA B 110 -1.09 12.35 28.97
C ALA B 110 -1.56 13.81 28.94
N LYS B 111 -2.84 14.00 28.65
CA LYS B 111 -3.42 15.33 28.59
C LYS B 111 -3.08 16.01 29.91
N GLY B 112 -2.77 15.18 30.90
CA GLY B 112 -2.42 15.70 32.19
C GLY B 112 -1.07 16.39 32.22
N LEU B 113 0.00 15.67 31.89
CA LEU B 113 1.33 16.28 31.93
C LEU B 113 1.43 17.42 30.93
N GLN B 114 0.67 17.32 29.85
CA GLN B 114 0.67 18.40 28.87
C GLN B 114 0.10 19.57 29.65
N ALA B 115 -1.08 19.35 30.25
CA ALA B 115 -1.75 20.36 31.03
C ALA B 115 -0.75 21.06 31.94
N ASP B 116 0.09 20.29 32.63
CA ASP B 116 1.06 20.92 33.53
C ASP B 116 2.54 20.86 33.13
N ILE B 117 2.80 21.21 31.87
CA ILE B 117 4.16 21.28 31.38
C ILE B 117 4.04 22.63 30.69
N LEU B 118 2.79 22.96 30.41
CA LEU B 118 2.43 24.21 29.78
C LEU B 118 2.35 25.22 30.91
N ALA B 119 2.12 24.71 32.12
CA ALA B 119 2.03 25.55 33.31
C ALA B 119 3.44 26.00 33.66
N LYS B 120 4.36 25.03 33.71
CA LYS B 120 5.75 25.31 34.04
C LYS B 120 6.43 26.21 32.99
N LEU B 121 5.85 26.30 31.80
CA LEU B 121 6.43 27.13 30.76
C LEU B 121 5.69 28.46 30.68
N ALA B 122 4.39 28.42 30.94
CA ALA B 122 3.56 29.62 30.93
C ALA B 122 4.07 30.58 32.01
N ARG B 123 4.71 30.02 33.03
CA ARG B 123 5.25 30.83 34.11
C ARG B 123 6.62 31.34 33.69
N VAL B 124 7.38 30.49 33.01
CA VAL B 124 8.71 30.90 32.58
C VAL B 124 8.71 31.97 31.48
N ILE B 125 7.75 31.92 30.55
CA ILE B 125 7.73 32.92 29.48
C ILE B 125 7.34 34.26 30.06
N ARG B 126 6.47 34.25 31.06
CA ARG B 126 6.04 35.48 31.73
C ARG B 126 7.30 36.04 32.37
N GLN B 127 7.90 35.23 33.24
CA GLN B 127 9.13 35.56 33.94
C GLN B 127 10.13 36.29 33.02
N LYS B 128 10.42 35.67 31.88
CA LYS B 128 11.39 36.20 30.92
C LYS B 128 10.82 37.29 29.99
N HIS B 129 9.50 37.34 29.84
CA HIS B 129 8.85 38.33 28.98
C HIS B 129 7.64 38.91 29.70
N LEU B 130 7.97 39.80 30.62
CA LEU B 130 7.07 40.49 31.51
C LEU B 130 5.77 41.10 30.98
N SER B 131 5.74 41.59 29.75
CA SER B 131 4.49 42.19 29.25
C SER B 131 3.75 41.41 28.15
N TRP B 132 3.91 40.09 28.15
CA TRP B 132 3.25 39.27 27.14
C TRP B 132 1.91 38.74 27.58
N ASN B 133 0.94 38.74 26.67
CA ASN B 133 -0.39 38.22 26.97
C ASN B 133 -0.24 36.69 26.84
N VAL B 134 0.07 36.03 27.94
CA VAL B 134 0.25 34.59 27.97
C VAL B 134 -0.97 33.94 28.62
N GLU B 135 -1.95 33.61 27.79
CA GLU B 135 -3.17 33.00 28.24
C GLU B 135 -3.13 31.49 28.11
N GLU B 136 -3.57 30.80 29.17
CA GLU B 136 -3.63 29.35 29.19
C GLU B 136 -5.10 28.95 29.13
N VAL B 137 -5.66 29.00 27.93
CA VAL B 137 -7.06 28.67 27.70
C VAL B 137 -7.26 27.17 27.62
N PRO B 143 -5.55 22.08 24.48
CA PRO B 143 -4.59 22.14 25.58
C PRO B 143 -3.36 22.97 25.19
N VAL B 144 -3.59 24.25 24.89
CA VAL B 144 -2.49 25.12 24.45
C VAL B 144 -2.34 26.44 25.22
N VAL B 145 -1.09 26.86 25.40
CA VAL B 145 -0.80 28.12 26.06
C VAL B 145 -0.67 29.16 24.95
N ARG B 146 -1.65 30.04 24.85
CA ARG B 146 -1.64 31.07 23.82
C ARG B 146 -0.66 32.16 24.24
N VAL B 147 -0.15 32.91 23.28
CA VAL B 147 0.79 33.98 23.61
C VAL B 147 0.79 35.13 22.62
N LYS B 148 0.59 36.33 23.15
CA LYS B 148 0.59 37.55 22.37
C LYS B 148 1.54 38.51 23.06
N GLY B 149 2.29 39.27 22.27
CA GLY B 149 3.22 40.20 22.86
C GLY B 149 3.99 40.93 21.79
N GLY B 150 4.86 41.83 22.23
CA GLY B 150 5.65 42.59 21.29
C GLY B 150 6.95 41.83 21.12
N GLY B 151 7.60 42.05 19.98
CA GLY B 151 8.86 41.37 19.72
C GLY B 151 8.70 39.90 19.41
N ALA B 152 7.45 39.43 19.34
CA ALA B 152 7.17 38.03 19.03
C ALA B 152 5.91 37.91 18.19
N VAL B 153 5.82 36.83 17.41
CA VAL B 153 4.64 36.62 16.59
C VAL B 153 3.56 35.97 17.46
N ASP B 154 2.31 36.30 17.19
CA ASP B 154 1.20 35.70 17.95
C ASP B 154 1.38 34.19 17.84
N PHE B 155 1.17 33.47 18.93
CA PHE B 155 1.37 32.03 18.85
C PHE B 155 0.76 31.17 19.95
N ASP B 156 0.50 29.92 19.59
CA ASP B 156 -0.05 28.93 20.50
C ASP B 156 1.04 27.89 20.73
N ILE B 157 1.19 27.43 21.97
CA ILE B 157 2.19 26.42 22.22
C ILE B 157 1.52 25.25 22.90
N THR B 158 1.73 24.09 22.28
CA THR B 158 1.13 22.88 22.76
C THR B 158 2.31 22.00 23.22
N ALA B 159 2.02 20.85 23.78
CA ALA B 159 3.10 20.01 24.27
C ALA B 159 3.00 18.52 23.94
N TYR B 160 4.17 17.89 23.90
CA TYR B 160 4.29 16.47 23.65
C TYR B 160 3.47 15.90 22.48
N ARG B 161 3.09 16.73 21.52
CA ARG B 161 2.34 16.23 20.36
C ARG B 161 3.20 16.33 19.09
N ARG B 162 3.67 15.17 18.64
CA ARG B 162 4.55 15.05 17.48
C ARG B 162 3.84 15.11 16.14
N ASN B 163 2.55 14.82 16.13
CA ASN B 163 1.82 14.77 14.85
C ASN B 163 1.77 16.01 14.02
N GLY B 164 1.57 17.15 14.68
CA GLY B 164 1.47 18.40 13.97
C GLY B 164 2.79 18.66 13.32
N VAL B 165 3.86 18.35 14.05
CA VAL B 165 5.14 18.57 13.48
C VAL B 165 5.32 17.57 12.37
N ARG B 166 4.94 16.33 12.59
CA ARG B 166 5.13 15.39 11.50
C ARG B 166 4.33 15.72 10.26
N ASN B 167 3.03 15.97 10.41
CA ASN B 167 2.27 16.28 9.22
C ASN B 167 2.59 17.64 8.57
N SER B 168 3.10 18.61 9.32
CA SER B 168 3.42 19.88 8.66
C SER B 168 4.70 19.62 7.85
N ALA B 169 5.55 18.71 8.34
CA ALA B 169 6.81 18.37 7.68
C ALA B 169 6.51 17.60 6.40
N LEU B 170 5.54 16.72 6.51
CA LEU B 170 5.13 15.93 5.36
C LEU B 170 4.62 16.86 4.28
N LEU B 171 3.76 17.78 4.65
CA LEU B 171 3.16 18.66 3.66
C LEU B 171 4.20 19.58 3.14
N ARG B 172 5.08 20.02 4.03
CA ARG B 172 6.14 20.87 3.56
C ARG B 172 6.95 20.14 2.49
N ALA B 173 7.34 18.89 2.72
CA ALA B 173 8.11 18.17 1.70
C ALA B 173 7.34 18.16 0.38
N TYR B 174 6.04 17.91 0.45
CA TYR B 174 5.28 17.90 -0.79
C TYR B 174 5.34 19.24 -1.52
N PHE B 175 5.15 20.35 -0.83
CA PHE B 175 5.22 21.64 -1.53
C PHE B 175 6.63 21.99 -2.01
N GLU B 176 7.64 21.46 -1.35
CA GLU B 176 9.02 21.71 -1.78
C GLU B 176 9.29 20.96 -3.06
N GLN B 177 8.50 19.90 -3.34
CA GLN B 177 8.72 19.19 -4.59
C GLN B 177 8.24 20.07 -5.73
N ASN B 178 7.26 20.91 -5.42
CA ASN B 178 6.65 21.76 -6.44
C ASN B 178 6.12 23.02 -5.76
N PRO B 179 7.03 23.95 -5.45
CA PRO B 179 6.72 25.22 -4.79
C PRO B 179 5.50 26.00 -5.29
N PRO B 180 5.31 26.09 -6.61
CA PRO B 180 4.16 26.81 -7.20
C PRO B 180 2.82 26.28 -6.70
N CYS B 181 2.79 25.01 -6.31
CA CYS B 181 1.57 24.38 -5.82
C CYS B 181 1.07 24.95 -4.52
N ARG B 182 1.84 25.83 -3.91
CA ARG B 182 1.36 26.38 -2.68
C ARG B 182 0.22 27.31 -2.99
N TRP B 183 0.26 27.86 -4.20
CA TRP B 183 -0.78 28.77 -4.63
C TRP B 183 -2.09 28.03 -4.67
N LEU B 184 -2.09 26.83 -5.24
CA LEU B 184 -3.29 26.01 -5.34
C LEU B 184 -3.81 25.82 -3.92
N SER B 185 -2.92 25.34 -3.07
CA SER B 185 -3.26 25.13 -1.68
C SER B 185 -3.76 26.40 -1.00
N MET B 186 -3.08 27.52 -1.22
CA MET B 186 -3.51 28.72 -0.55
C MET B 186 -4.85 29.14 -1.07
N SER B 187 -5.03 28.99 -2.36
CA SER B 187 -6.29 29.38 -2.96
C SER B 187 -7.42 28.62 -2.36
N ILE B 188 -7.22 27.33 -2.11
CA ILE B 188 -8.30 26.52 -1.55
C ILE B 188 -8.55 26.88 -0.09
N LYS B 189 -7.48 27.19 0.64
CA LYS B 189 -7.64 27.54 2.03
C LYS B 189 -8.48 28.79 2.16
N ARG B 190 -8.18 29.80 1.37
CA ARG B 190 -8.90 31.04 1.46
C ARG B 190 -10.37 30.80 1.10
N TRP B 191 -10.59 30.06 0.04
CA TRP B 191 -11.93 29.77 -0.36
C TRP B 191 -12.70 28.97 0.73
N SER B 192 -12.11 27.90 1.23
CA SER B 192 -12.79 27.11 2.25
C SER B 192 -13.27 27.97 3.42
N LYS B 193 -12.51 29.02 3.72
CA LYS B 193 -12.88 29.87 4.84
C LYS B 193 -13.99 30.84 4.42
N GLN B 194 -14.01 31.22 3.15
CA GLN B 194 -15.04 32.14 2.68
C GLN B 194 -16.40 31.44 2.55
N THR B 195 -16.38 30.17 2.18
CA THR B 195 -17.59 29.40 1.99
C THR B 195 -18.11 28.84 3.29
N GLY B 196 -17.31 28.91 4.33
CA GLY B 196 -17.77 28.37 5.60
C GLY B 196 -17.51 26.89 5.70
N LEU B 197 -16.75 26.33 4.74
CA LEU B 197 -16.46 24.90 4.78
C LEU B 197 -15.36 24.60 5.79
N ASN B 198 -14.45 25.53 5.94
CA ASN B 198 -13.34 25.35 6.83
C ASN B 198 -13.80 25.26 8.28
N ALA B 199 -13.38 24.21 8.97
CA ALA B 199 -13.78 24.04 10.33
C ALA B 199 -13.43 25.25 11.22
N SER B 200 -12.61 26.19 10.71
CA SER B 200 -12.20 27.41 11.45
C SER B 200 -13.38 28.41 11.57
N VAL B 201 -14.34 28.22 10.69
CA VAL B 201 -15.54 29.03 10.60
C VAL B 201 -16.67 28.22 11.21
N ILE B 202 -17.58 28.89 11.92
CA ILE B 202 -18.69 28.21 12.56
C ILE B 202 -19.44 27.47 11.48
N GLY B 203 -19.82 26.23 11.77
CA GLY B 203 -20.52 25.45 10.76
C GLY B 203 -19.50 24.83 9.79
N GLY B 204 -18.21 25.12 10.02
CA GLY B 204 -17.17 24.56 9.16
C GLY B 204 -16.95 23.10 9.49
N SER B 205 -16.72 22.25 8.49
CA SER B 205 -16.53 20.82 8.73
C SER B 205 -15.14 20.27 8.45
N ILE B 206 -14.35 20.94 7.60
CA ILE B 206 -13.00 20.48 7.29
C ILE B 206 -11.92 21.52 7.62
N THR B 207 -10.91 21.09 8.38
CA THR B 207 -9.82 21.99 8.73
C THR B 207 -9.00 22.33 7.47
N SER B 208 -8.19 23.38 7.57
CA SER B 208 -7.35 23.82 6.49
C SER B 208 -6.43 22.65 6.18
N TYR B 209 -6.08 21.91 7.22
CA TYR B 209 -5.23 20.75 7.06
C TYR B 209 -5.92 19.70 6.17
N GLY B 210 -7.22 19.49 6.39
CA GLY B 210 -7.95 18.49 5.64
C GLY B 210 -7.93 18.88 4.18
N PHE B 211 -8.03 20.16 3.96
CA PHE B 211 -7.97 20.66 2.61
C PHE B 211 -6.56 20.49 2.04
N ASN B 212 -5.50 20.55 2.87
CA ASN B 212 -4.16 20.38 2.28
C ASN B 212 -4.00 18.92 1.89
N LEU B 213 -4.55 18.04 2.72
CA LEU B 213 -4.55 16.61 2.38
C LEU B 213 -5.27 16.44 1.04
N MET B 214 -6.41 17.10 0.86
CA MET B 214 -7.09 16.91 -0.42
C MET B 214 -6.28 17.48 -1.60
N VAL B 215 -5.68 18.63 -1.42
CA VAL B 215 -4.88 19.24 -2.49
C VAL B 215 -3.68 18.32 -2.85
N VAL B 216 -3.00 17.80 -1.83
CA VAL B 216 -1.85 16.95 -2.12
C VAL B 216 -2.31 15.65 -2.76
N TYR B 217 -3.40 15.09 -2.24
CA TYR B 217 -3.96 13.86 -2.74
C TYR B 217 -4.27 14.06 -4.22
N TYR B 218 -4.94 15.17 -4.52
CA TYR B 218 -5.25 15.49 -5.90
C TYR B 218 -3.93 15.62 -6.73
N LEU B 219 -2.99 16.38 -6.20
CA LEU B 219 -1.76 16.53 -6.93
C LEU B 219 -1.05 15.21 -7.19
N LEU B 220 -1.10 14.32 -6.20
CA LEU B 220 -0.48 13.02 -6.33
C LEU B 220 -1.15 12.27 -7.45
N GLN B 221 -2.48 12.27 -7.46
CA GLN B 221 -3.22 11.53 -8.47
C GLN B 221 -2.93 12.03 -9.84
N ARG B 222 -2.60 13.30 -9.97
CA ARG B 222 -2.29 13.89 -11.27
C ARG B 222 -0.79 13.77 -11.52
N ASN B 223 -0.09 13.05 -10.64
CA ASN B 223 1.35 12.86 -10.77
C ASN B 223 2.13 14.16 -10.73
N HIS B 224 1.53 15.19 -10.16
CA HIS B 224 2.22 16.48 -10.06
C HIS B 224 3.12 16.50 -8.83
N LEU B 225 3.01 15.43 -8.04
CA LEU B 225 3.81 15.27 -6.84
C LEU B 225 4.17 13.81 -6.81
N GLN B 226 5.27 13.47 -6.17
CA GLN B 226 5.63 12.09 -6.10
C GLN B 226 5.42 11.74 -4.66
N PHE B 227 4.90 10.54 -4.47
CA PHE B 227 4.61 10.07 -3.12
C PHE B 227 5.79 10.13 -2.18
N VAL B 228 5.46 10.48 -0.93
CA VAL B 228 6.43 10.53 0.15
C VAL B 228 5.83 9.69 1.27
N PRO B 229 6.45 8.56 1.64
CA PRO B 229 5.80 7.81 2.71
C PRO B 229 5.73 8.60 4.03
N PRO B 230 4.55 8.64 4.69
CA PRO B 230 4.53 9.43 5.93
C PRO B 230 5.58 9.00 6.94
N SER B 231 5.75 7.69 7.06
CA SER B 231 6.70 7.03 7.96
C SER B 231 8.10 7.53 7.76
N THR B 232 8.30 8.15 6.64
CA THR B 232 9.60 8.67 6.32
C THR B 232 9.96 9.95 7.07
N ILE B 233 8.94 10.61 7.60
CA ILE B 233 9.13 11.86 8.32
C ILE B 233 9.51 11.54 9.76
N ASP B 234 10.81 11.60 10.05
CA ASP B 234 11.29 11.33 11.41
C ASP B 234 11.43 12.66 12.17
N VAL B 235 10.68 12.81 13.26
CA VAL B 235 10.72 14.04 14.04
C VAL B 235 12.14 14.52 14.35
N SER B 236 13.07 13.58 14.50
CA SER B 236 14.46 13.93 14.79
C SER B 236 15.05 14.74 13.66
N ARG B 237 15.09 14.11 12.50
CA ARG B 237 15.65 14.68 11.29
C ARG B 237 14.97 15.95 10.76
N VAL B 238 13.73 16.23 11.21
CA VAL B 238 13.03 17.42 10.74
C VAL B 238 13.50 18.71 11.40
N GLU B 239 13.78 19.72 10.58
CA GLU B 239 14.22 21.01 11.08
C GLU B 239 13.17 21.56 12.04
N PRO B 240 13.58 21.89 13.28
CA PRO B 240 12.68 22.42 14.30
C PRO B 240 12.15 23.75 13.81
N LEU B 241 12.95 24.38 12.95
CA LEU B 241 12.60 25.67 12.36
C LEU B 241 13.05 25.64 10.92
N PRO B 242 12.18 25.19 10.00
CA PRO B 242 12.52 25.12 8.58
C PRO B 242 12.79 26.50 8.00
N PRO B 243 13.66 26.61 7.00
CA PRO B 243 13.95 27.92 6.42
C PRO B 243 12.79 28.58 5.66
N HIS B 244 12.97 29.87 5.36
CA HIS B 244 11.94 30.60 4.63
C HIS B 244 11.98 30.02 3.24
N LEU B 245 10.80 29.79 2.68
CA LEU B 245 10.68 29.22 1.36
C LEU B 245 10.05 30.28 0.46
N PRO B 246 10.90 31.04 -0.30
CA PRO B 246 10.46 32.10 -1.21
C PRO B 246 9.32 31.63 -2.08
N LEU B 247 8.23 32.36 -2.02
CA LEU B 247 7.04 32.01 -2.76
C LEU B 247 6.93 32.93 -3.97
N GLU B 248 7.41 32.44 -5.10
CA GLU B 248 7.39 33.18 -6.37
C GLU B 248 5.97 33.37 -6.88
N GLU B 249 5.61 34.62 -7.15
CA GLU B 249 4.28 34.87 -7.67
C GLU B 249 4.32 34.32 -9.09
N PRO B 250 3.22 33.72 -9.55
CA PRO B 250 3.24 33.18 -10.91
C PRO B 250 3.68 34.23 -11.93
N ALA B 251 4.41 33.81 -12.95
CA ALA B 251 4.86 34.70 -14.02
C ALA B 251 4.42 33.90 -15.22
N ASP B 252 3.21 33.36 -15.04
CA ASP B 252 2.53 32.48 -15.96
C ASP B 252 1.17 33.13 -16.22
N GLU B 253 0.94 34.24 -15.53
CA GLU B 253 -0.32 35.00 -15.55
C GLU B 253 -1.29 34.21 -14.66
N GLY B 254 -0.80 33.08 -14.15
CA GLY B 254 -1.62 32.24 -13.29
C GLY B 254 -2.34 31.14 -14.05
N LEU B 255 -1.88 30.88 -15.27
CA LEU B 255 -2.50 29.87 -16.10
C LEU B 255 -2.50 28.50 -15.46
N GLU B 256 -1.35 28.04 -14.99
CA GLU B 256 -1.28 26.73 -14.35
C GLU B 256 -2.13 26.72 -13.08
N LEU B 257 -2.05 27.79 -12.32
CA LEU B 257 -2.82 27.88 -11.09
C LEU B 257 -4.30 27.66 -11.44
N GLY B 258 -4.83 28.52 -12.30
CA GLY B 258 -6.23 28.45 -12.71
C GLY B 258 -6.61 27.09 -13.27
N THR B 259 -5.73 26.59 -14.12
CA THR B 259 -5.90 25.30 -14.72
C THR B 259 -6.00 24.27 -13.59
N GLN B 260 -5.08 24.38 -12.63
CA GLN B 260 -5.05 23.49 -11.49
C GLN B 260 -6.30 23.62 -10.60
N VAL B 261 -6.74 24.85 -10.34
CA VAL B 261 -7.92 25.01 -9.51
C VAL B 261 -9.08 24.28 -10.15
N LEU B 262 -9.32 24.54 -11.42
CA LEU B 262 -10.43 23.87 -12.11
C LEU B 262 -10.27 22.37 -12.11
N ASP B 263 -9.06 21.87 -12.34
CA ASP B 263 -8.86 20.43 -12.35
C ASP B 263 -9.17 19.86 -10.95
N PHE B 264 -8.63 20.50 -9.90
CA PHE B 264 -8.90 20.06 -8.55
C PHE B 264 -10.41 20.05 -8.23
N LEU B 265 -11.14 21.08 -8.65
CA LEU B 265 -12.59 21.14 -8.35
C LEU B 265 -13.25 20.01 -9.10
N HIS B 266 -12.76 19.83 -10.31
CA HIS B 266 -13.25 18.79 -11.19
C HIS B 266 -13.01 17.41 -10.55
N PHE B 267 -11.78 17.22 -10.08
CA PHE B 267 -11.38 15.96 -9.45
C PHE B 267 -12.33 15.64 -8.32
N PHE B 268 -12.47 16.53 -7.34
CA PHE B 268 -13.32 16.21 -6.23
C PHE B 268 -14.82 16.18 -6.43
N LEU B 269 -15.28 16.68 -7.57
CA LEU B 269 -16.69 16.62 -7.91
C LEU B 269 -17.00 15.34 -8.68
N HIS B 270 -16.05 14.89 -9.49
CA HIS B 270 -16.34 13.75 -10.34
C HIS B 270 -15.44 12.52 -10.29
N GLU B 271 -14.13 12.73 -10.21
CA GLU B 271 -13.23 11.59 -10.17
C GLU B 271 -13.22 10.99 -8.78
N PHE B 272 -12.98 11.81 -7.76
CA PHE B 272 -12.99 11.27 -6.41
C PHE B 272 -14.37 10.62 -6.14
N ASP B 273 -14.36 9.38 -5.71
CA ASP B 273 -15.61 8.68 -5.38
C ASP B 273 -15.72 8.64 -3.87
N SER B 274 -16.38 9.64 -3.31
CA SER B 274 -16.51 9.70 -1.87
C SER B 274 -17.35 8.55 -1.31
N ASP B 275 -18.05 7.83 -2.17
CA ASP B 275 -18.84 6.69 -1.72
C ASP B 275 -17.95 5.45 -1.53
N LYS B 276 -16.80 5.41 -2.20
CA LYS B 276 -15.91 4.26 -2.08
C LYS B 276 -14.46 4.62 -1.70
N GLN B 277 -14.07 5.87 -1.89
CA GLN B 277 -12.69 6.26 -1.66
C GLN B 277 -12.37 7.14 -0.48
N VAL B 278 -11.10 7.08 -0.09
CA VAL B 278 -10.58 7.83 1.02
C VAL B 278 -9.46 8.72 0.53
N ILE B 279 -9.54 10.00 0.87
CA ILE B 279 -8.49 10.94 0.51
C ILE B 279 -7.34 10.55 1.45
N SER B 280 -6.25 10.08 0.89
CA SER B 280 -5.17 9.62 1.75
C SER B 280 -3.76 9.92 1.29
N LEU B 281 -2.87 10.15 2.26
CA LEU B 281 -1.45 10.39 1.98
C LEU B 281 -0.67 9.22 2.59
N ASN B 282 -1.40 8.27 3.18
CA ASN B 282 -0.76 7.13 3.84
C ASN B 282 -0.14 6.14 2.89
N ARG B 283 -0.67 6.05 1.70
CA ARG B 283 -0.19 5.08 0.74
C ARG B 283 -0.45 5.63 -0.59
N PRO B 284 0.34 5.22 -1.57
CA PRO B 284 0.10 5.74 -2.92
C PRO B 284 -1.08 4.95 -3.49
N GLY B 285 -1.68 5.50 -4.55
CA GLY B 285 -2.80 4.84 -5.14
C GLY B 285 -4.09 5.18 -4.46
N ILE B 286 -5.10 4.42 -4.78
CA ILE B 286 -6.42 4.66 -4.22
C ILE B 286 -6.61 3.90 -2.96
N THR B 287 -7.21 4.56 -1.99
CA THR B 287 -7.49 3.91 -0.73
C THR B 287 -9.02 3.81 -0.69
N THR B 288 -9.52 2.59 -0.55
CA THR B 288 -10.94 2.41 -0.50
C THR B 288 -11.43 2.53 0.94
N LYS B 289 -12.67 3.00 1.08
CA LYS B 289 -13.29 3.10 2.41
C LYS B 289 -13.33 1.68 3.02
N GLU B 290 -13.50 0.68 2.16
CA GLU B 290 -13.54 -0.73 2.55
C GLU B 290 -12.28 -1.17 3.28
N GLU B 291 -11.10 -0.82 2.75
CA GLU B 291 -9.88 -1.24 3.41
C GLU B 291 -9.69 -0.57 4.75
N LEU B 292 -10.38 0.54 4.95
CA LEU B 292 -10.28 1.22 6.22
C LEU B 292 -11.51 0.95 7.10
N ASP B 293 -12.45 0.16 6.59
CA ASP B 293 -13.70 -0.14 7.31
C ASP B 293 -14.36 1.17 7.67
N TRP B 294 -14.34 2.10 6.74
CA TRP B 294 -14.91 3.42 6.93
C TRP B 294 -16.07 3.43 5.98
N THR B 295 -16.92 2.43 6.11
CA THR B 295 -18.04 2.27 5.22
C THR B 295 -19.34 2.79 5.80
N LYS B 296 -20.36 2.84 4.93
CA LYS B 296 -21.70 3.24 5.32
C LYS B 296 -22.09 2.32 6.50
N SER B 297 -21.71 1.06 6.36
CA SER B 297 -22.00 0.08 7.40
C SER B 297 -21.35 0.44 8.72
N ALA B 298 -20.13 0.97 8.68
CA ALA B 298 -19.48 1.33 9.92
C ALA B 298 -20.22 2.51 10.54
N GLU B 299 -20.77 3.38 9.70
CA GLU B 299 -21.55 4.52 10.15
C GLU B 299 -22.83 4.00 10.83
N ASP B 300 -23.46 3.01 10.21
CA ASP B 300 -24.70 2.45 10.74
C ASP B 300 -24.40 1.87 12.10
N PHE B 301 -23.30 1.10 12.17
CA PHE B 301 -22.86 0.49 13.41
C PHE B 301 -22.62 1.52 14.51
N ALA B 302 -22.01 2.64 14.15
CA ALA B 302 -21.70 3.67 15.13
C ALA B 302 -22.99 4.26 15.65
N ARG B 303 -23.87 4.61 14.70
CA ARG B 303 -25.17 5.16 15.01
C ARG B 303 -25.91 4.23 15.97
N MET B 304 -26.03 2.97 15.60
CA MET B 304 -26.71 1.98 16.45
C MET B 304 -25.95 1.72 17.74
N ASN B 305 -24.68 2.09 17.77
CA ASN B 305 -23.87 1.81 18.95
C ASN B 305 -23.65 3.01 19.85
N GLY B 306 -24.44 4.05 19.64
CA GLY B 306 -24.29 5.25 20.46
C GLY B 306 -22.98 6.00 20.18
N GLU B 307 -22.78 6.35 18.92
CA GLU B 307 -21.60 7.10 18.51
C GLU B 307 -22.00 7.74 17.23
N LYS B 308 -21.27 8.75 16.81
CA LYS B 308 -21.66 9.37 15.55
C LYS B 308 -20.42 9.68 14.76
N VAL B 309 -20.04 8.74 13.92
CA VAL B 309 -18.89 8.93 13.06
C VAL B 309 -19.45 8.98 11.68
N HIS B 310 -18.97 9.91 10.87
CA HIS B 310 -19.45 9.97 9.50
C HIS B 310 -18.29 9.60 8.57
N TYR B 311 -18.60 8.96 7.47
CA TYR B 311 -17.62 8.57 6.47
C TYR B 311 -18.13 8.95 5.13
N GLN B 312 -18.76 10.12 5.08
CA GLN B 312 -19.28 10.64 3.81
C GLN B 312 -18.13 11.28 3.06
N TRP B 313 -17.18 11.84 3.80
CA TRP B 313 -16.03 12.49 3.17
C TRP B 313 -14.79 12.11 3.96
N CYS B 314 -14.21 10.99 3.55
CA CYS B 314 -13.05 10.46 4.23
C CYS B 314 -11.70 11.02 3.85
N ILE B 315 -11.02 11.55 4.85
CA ILE B 315 -9.68 12.09 4.69
C ILE B 315 -8.93 11.35 5.78
N GLU B 316 -8.03 10.48 5.36
CA GLU B 316 -7.30 9.69 6.33
C GLU B 316 -6.19 10.53 6.88
N ASP B 317 -6.04 10.60 8.20
CA ASP B 317 -4.94 11.38 8.77
C ASP B 317 -3.67 10.50 8.62
N PRO B 318 -2.59 11.10 8.09
CA PRO B 318 -1.29 10.49 7.85
C PRO B 318 -0.63 9.90 9.07
N TYR B 319 -0.98 10.39 10.26
CA TYR B 319 -0.30 9.94 11.49
C TYR B 319 -1.14 9.45 12.65
N GLU B 320 -2.35 9.98 12.73
CA GLU B 320 -3.32 9.64 13.74
C GLU B 320 -3.97 8.34 13.32
N LEU B 321 -3.89 7.32 14.15
CA LEU B 321 -4.53 6.07 13.78
C LEU B 321 -6.06 6.19 13.78
N ASN B 322 -6.65 5.72 12.70
CA ASN B 322 -8.08 5.75 12.49
C ASN B 322 -8.78 7.10 12.56
N LEU B 323 -8.03 8.19 12.45
CA LEU B 323 -8.69 9.49 12.50
C LEU B 323 -9.14 9.98 11.11
N ASN B 324 -10.46 10.09 10.91
CA ASN B 324 -10.96 10.64 9.67
C ASN B 324 -11.01 12.20 9.76
N VAL B 325 -10.07 12.86 9.10
CA VAL B 325 -10.03 14.30 9.14
C VAL B 325 -11.37 14.87 8.65
N GLY B 326 -12.19 14.06 7.97
CA GLY B 326 -13.46 14.56 7.53
C GLY B 326 -14.62 13.98 8.32
N ARG B 327 -14.36 13.57 9.56
CA ARG B 327 -15.41 12.97 10.39
C ARG B 327 -16.60 13.91 10.68
N ASN B 328 -16.37 15.22 10.66
CA ASN B 328 -17.41 16.22 10.91
C ASN B 328 -18.19 16.57 9.67
N VAL B 329 -17.92 15.87 8.58
CA VAL B 329 -18.66 16.13 7.36
C VAL B 329 -19.84 15.17 7.41
N THR B 330 -20.95 15.63 7.96
CA THR B 330 -22.16 14.83 8.04
C THR B 330 -22.70 14.78 6.63
N PRO B 331 -23.66 13.89 6.35
CA PRO B 331 -24.25 13.78 5.00
C PRO B 331 -24.72 15.12 4.42
N LEU B 332 -25.28 15.96 5.28
CA LEU B 332 -25.77 17.25 4.83
C LEU B 332 -24.62 18.22 4.52
N LYS B 333 -23.54 18.16 5.29
CA LYS B 333 -22.42 19.05 4.99
C LYS B 333 -21.72 18.62 3.70
N ARG B 334 -21.74 17.30 3.43
CA ARG B 334 -21.11 16.80 2.21
C ARG B 334 -21.77 17.40 0.99
N ASP B 335 -23.10 17.49 1.03
CA ASP B 335 -23.87 18.08 -0.07
C ASP B 335 -23.47 19.57 -0.10
N PHE B 336 -23.38 20.18 1.07
CA PHE B 336 -22.97 21.58 1.12
C PHE B 336 -21.62 21.71 0.38
N LEU B 337 -20.66 20.88 0.78
CA LEU B 337 -19.35 20.89 0.15
C LEU B 337 -19.44 20.70 -1.36
N ARG B 338 -20.19 19.70 -1.80
CA ARG B 338 -20.32 19.42 -3.22
C ARG B 338 -20.84 20.66 -3.93
N ARG B 339 -21.90 21.21 -3.37
CA ARG B 339 -22.54 22.41 -3.88
C ARG B 339 -21.50 23.49 -3.96
N HIS B 340 -20.69 23.63 -2.92
CA HIS B 340 -19.68 24.65 -3.01
C HIS B 340 -18.61 24.37 -4.04
N LEU B 341 -18.26 23.11 -4.22
CA LEU B 341 -17.21 22.79 -5.19
C LEU B 341 -17.67 23.16 -6.59
N GLU B 342 -18.97 23.05 -6.80
CA GLU B 342 -19.55 23.37 -8.11
C GLU B 342 -19.55 24.86 -8.38
N LYS B 343 -19.97 25.61 -7.35
CA LYS B 343 -20.03 27.06 -7.45
C LYS B 343 -18.63 27.58 -7.64
N ALA B 344 -17.67 26.92 -6.98
CA ALA B 344 -16.29 27.33 -7.05
C ALA B 344 -15.69 27.45 -8.46
N ARG B 345 -16.15 26.64 -9.40
CA ARG B 345 -15.64 26.69 -10.77
C ARG B 345 -16.15 27.89 -11.53
N ASP B 346 -17.25 28.47 -11.05
CA ASP B 346 -17.84 29.62 -11.70
C ASP B 346 -17.32 30.91 -11.14
N THR B 347 -17.03 30.88 -9.85
CA THR B 347 -16.57 32.06 -9.18
C THR B 347 -15.06 32.11 -8.98
N ALA B 348 -14.34 31.20 -9.63
CA ALA B 348 -12.88 31.13 -9.46
C ALA B 348 -12.63 31.24 -7.98
N LEU B 349 -13.14 30.27 -7.23
CA LEU B 349 -13.01 30.22 -5.77
C LEU B 349 -13.46 31.54 -5.14
N LEU B 350 -14.62 32.01 -5.57
CA LEU B 350 -15.20 33.24 -5.07
C LEU B 350 -14.38 34.53 -5.28
N THR B 351 -13.59 34.58 -6.34
CA THR B 351 -12.84 35.81 -6.59
C THR B 351 -13.67 36.62 -7.57
N ILE B 352 -14.45 35.91 -8.38
CA ILE B 352 -15.32 36.51 -9.37
C ILE B 352 -16.77 36.61 -8.86
#